data_8CKD
#
_entry.id   8CKD
#
_cell.length_a   78.090
_cell.length_b   108.220
_cell.length_c   113.130
_cell.angle_alpha   90.00
_cell.angle_beta   90.00
_cell.angle_gamma   90.00
#
_symmetry.space_group_name_H-M   'I 2 2 2'
#
loop_
_entity.id
_entity.type
_entity.pdbx_description
1 polymer 'ABC transporter substrate-binding protein'
2 non-polymer 'Agrocinopine D-like (C2-C2 linked; with an alpha and beta-D-glucopyranose)'
3 non-polymer 'Agrocinopine D-like (C2-C2 linked; with two alpha-D-glucopyranoses)'
4 non-polymer 1,2-ETHANEDIOL
5 water water
#
_entity_poly.entity_id   1
_entity_poly.type   'polypeptide(L)'
_entity_poly.pdbx_seq_one_letter_code
;MQERRALRLGVNGLPNSLEPVNAISNVGPRIVNQIFDTLIARDFFAKGAPGNAIDLVPALAESWERIDEKSVRFKLRQKV
MFHDGVELTADDVAYTFSSERLWGPEAIKKIPLGKSYSLDFDEPVVEDKYTVTLRTKTPSYLIETFVASWMSRIVPKEYY
KKLGAVDFGNKPVGTGPYKFVEFVAGDRVVLEANDAYWGPKPTASKITYQIVAEPATRVAGLISGEYDIITTLTPDDIQL
INSYPDLETRGTLIENFHMFTFNMNQEVFKDKKLRRALALAVNRPIMVEALWKKQASIPAGFNFPNYGETFDPKRKAMEY
NVEEAKRLVKESGYDGTPITYHTMGNYYANAMPALMMMIEMWKQIGVNVVMKTYAPGSFPPDNQTWMRNWSNGQWMTDAY
ATIVPEFGPNGQVQKRWGWKAPAEFNELCQKVTVLPNGKERFDAYNRMRDIFEEEAPAVILYQPYDVYAARKDVHWKPVS
FEMMEFRNNLSFGHHHHHH
;
_entity_poly.pdbx_strand_id   A
#
# COMPACT_ATOMS: atom_id res chain seq x y z
N ARG A 4 -24.38 18.62 9.26
CA ARG A 4 -22.93 18.45 9.30
C ARG A 4 -22.22 19.02 8.10
N ARG A 5 -20.96 19.37 8.28
CA ARG A 5 -20.14 19.88 7.18
C ARG A 5 -19.80 18.74 6.18
N ALA A 6 -19.77 19.08 4.90
CA ALA A 6 -19.29 18.17 3.86
C ALA A 6 -17.77 18.33 3.85
N LEU A 7 -17.03 17.21 3.71
CA LEU A 7 -15.57 17.24 3.64
C LEU A 7 -15.10 17.21 2.18
N ARG A 8 -14.20 18.11 1.82
CA ARG A 8 -13.67 18.27 0.46
C ARG A 8 -12.19 17.94 0.50
N LEU A 9 -11.81 16.83 -0.16
CA LEU A 9 -10.43 16.42 -0.24
C LEU A 9 -9.87 16.58 -1.64
N GLY A 10 -8.68 17.19 -1.72
CA GLY A 10 -7.95 17.31 -2.97
C GLY A 10 -6.88 16.24 -2.92
N VAL A 11 -7.01 15.24 -3.75
CA VAL A 11 -6.13 14.07 -3.73
C VAL A 11 -5.18 13.96 -4.93
N ASN A 12 -4.09 13.21 -4.73
CA ASN A 12 -3.13 12.96 -5.79
C ASN A 12 -3.65 12.06 -6.90
N GLY A 13 -4.56 11.17 -6.57
CA GLY A 13 -5.03 10.19 -7.52
C GLY A 13 -6.20 9.40 -6.98
N LEU A 14 -6.75 8.56 -7.84
CA LEU A 14 -7.91 7.76 -7.49
C LEU A 14 -7.68 6.33 -7.97
N PRO A 15 -8.24 5.33 -7.27
CA PRO A 15 -8.15 3.95 -7.77
C PRO A 15 -9.08 3.77 -8.98
N ASN A 16 -8.85 2.74 -9.80
CA ASN A 16 -9.70 2.48 -10.95
CA ASN A 16 -9.71 2.47 -10.96
C ASN A 16 -10.96 1.65 -10.57
N SER A 17 -11.02 1.14 -9.31
CA SER A 17 -12.10 0.35 -8.78
C SER A 17 -12.17 0.54 -7.25
N LEU A 18 -13.40 0.46 -6.70
CA LEU A 18 -13.61 0.49 -5.27
C LEU A 18 -13.87 -0.91 -4.69
N GLU A 19 -13.53 -1.97 -5.48
CA GLU A 19 -13.52 -3.36 -5.00
C GLU A 19 -12.29 -3.31 -4.02
N PRO A 20 -12.46 -3.60 -2.72
CA PRO A 20 -11.41 -3.24 -1.75
C PRO A 20 -10.02 -3.86 -1.95
N VAL A 21 -9.95 -5.06 -2.52
CA VAL A 21 -8.64 -5.68 -2.76
C VAL A 21 -8.02 -5.04 -4.01
N ASN A 22 -8.83 -4.85 -5.08
CA ASN A 22 -8.29 -4.20 -6.29
C ASN A 22 -7.94 -2.71 -6.04
N ALA A 23 -8.51 -2.09 -4.98
CA ALA A 23 -8.22 -0.70 -4.61
C ALA A 23 -6.93 -0.56 -3.76
N ILE A 24 -6.21 -1.68 -3.50
CA ILE A 24 -4.99 -1.61 -2.72
C ILE A 24 -3.96 -0.84 -3.54
N SER A 25 -3.58 0.31 -2.99
CA SER A 25 -2.68 1.25 -3.62
C SER A 25 -2.49 2.46 -2.65
N ASN A 26 -1.72 3.49 -3.04
CA ASN A 26 -1.57 4.68 -2.20
C ASN A 26 -2.87 5.50 -2.15
N VAL A 27 -3.77 5.32 -3.13
CA VAL A 27 -4.96 6.17 -3.28
C VAL A 27 -6.31 5.51 -3.00
N GLY A 28 -6.39 4.17 -3.02
CA GLY A 28 -7.63 3.48 -2.76
C GLY A 28 -8.05 3.40 -1.29
N PRO A 29 -7.13 2.99 -0.39
CA PRO A 29 -7.50 2.82 1.03
C PRO A 29 -8.17 4.02 1.71
N ARG A 30 -7.74 5.25 1.40
CA ARG A 30 -8.40 6.44 2.01
C ARG A 30 -9.88 6.51 1.68
N ILE A 31 -10.31 5.82 0.61
CA ILE A 31 -11.72 5.74 0.24
C ILE A 31 -12.34 4.43 0.80
N VAL A 32 -11.81 3.24 0.45
CA VAL A 32 -12.43 1.98 0.86
C VAL A 32 -12.42 1.79 2.41
N ASN A 33 -11.49 2.47 3.11
CA ASN A 33 -11.48 2.45 4.59
C ASN A 33 -12.81 3.06 5.14
N GLN A 34 -13.49 3.92 4.37
CA GLN A 34 -14.76 4.57 4.76
C GLN A 34 -15.98 3.70 4.42
N ILE A 35 -15.95 3.00 3.29
CA ILE A 35 -17.05 2.18 2.78
C ILE A 35 -17.17 0.85 3.52
N PHE A 36 -16.01 0.28 3.93
CA PHE A 36 -15.96 -1.03 4.54
C PHE A 36 -15.33 -1.06 5.95
N ASP A 37 -15.48 -2.22 6.59
CA ASP A 37 -14.86 -2.54 7.85
C ASP A 37 -14.15 -3.88 7.74
N THR A 38 -13.27 -4.13 8.69
CA THR A 38 -12.60 -5.42 8.81
C THR A 38 -13.07 -6.13 10.12
N LEU A 39 -12.72 -7.41 10.31
CA LEU A 39 -13.09 -8.14 11.52
C LEU A 39 -12.35 -7.57 12.72
N ILE A 40 -11.05 -7.29 12.52
CA ILE A 40 -10.15 -6.70 13.50
CA ILE A 40 -10.13 -6.69 13.49
C ILE A 40 -9.64 -5.41 12.87
N ALA A 41 -9.50 -4.35 13.67
CA ALA A 41 -8.97 -3.08 13.16
C ALA A 41 -7.76 -2.68 13.96
N ARG A 42 -6.86 -1.98 13.33
CA ARG A 42 -5.73 -1.41 14.02
C ARG A 42 -6.22 -0.08 14.60
N ASP A 43 -5.89 0.18 15.87
CA ASP A 43 -6.22 1.48 16.47
C ASP A 43 -4.91 2.25 16.58
N PHE A 44 -4.65 3.11 15.57
CA PHE A 44 -3.42 3.90 15.53
C PHE A 44 -3.29 4.91 16.68
N PHE A 45 -4.39 5.27 17.32
CA PHE A 45 -4.42 6.26 18.37
C PHE A 45 -4.52 5.63 19.78
N ALA A 46 -4.32 4.30 19.91
CA ALA A 46 -4.40 3.60 21.20
C ALA A 46 -3.47 4.23 22.23
N LYS A 47 -4.00 4.42 23.46
CA LYS A 47 -3.25 4.97 24.59
C LYS A 47 -2.57 6.29 24.24
N GLY A 48 -3.32 7.19 23.59
CA GLY A 48 -2.83 8.52 23.21
C GLY A 48 -1.76 8.60 22.13
N ALA A 49 -1.43 7.49 21.44
CA ALA A 49 -0.36 7.49 20.44
C ALA A 49 -0.58 8.52 19.32
N PRO A 50 0.49 9.09 18.74
CA PRO A 50 0.31 10.07 17.68
C PRO A 50 0.05 9.41 16.31
N GLY A 51 -0.96 8.57 16.21
CA GLY A 51 -1.34 7.94 14.95
C GLY A 51 -0.48 6.80 14.45
N ASN A 52 0.33 6.21 15.33
CA ASN A 52 1.21 5.11 14.93
C ASN A 52 1.14 3.89 15.84
N ALA A 53 0.15 3.80 16.75
CA ALA A 53 0.03 2.64 17.61
C ALA A 53 -0.20 1.38 16.79
N ILE A 54 0.30 0.26 17.29
CA ILE A 54 0.20 -1.04 16.61
C ILE A 54 -0.99 -1.91 17.07
N ASP A 55 -1.70 -1.47 18.12
CA ASP A 55 -2.77 -2.21 18.77
C ASP A 55 -3.88 -2.63 17.85
N LEU A 56 -4.29 -3.90 17.94
CA LEU A 56 -5.42 -4.45 17.21
C LEU A 56 -6.59 -4.50 18.18
N VAL A 57 -7.78 -4.14 17.69
CA VAL A 57 -8.98 -4.08 18.48
C VAL A 57 -10.14 -4.72 17.73
N PRO A 58 -11.19 -5.18 18.47
CA PRO A 58 -12.36 -5.69 17.77
C PRO A 58 -13.01 -4.68 16.84
N ALA A 59 -13.57 -5.18 15.75
CA ALA A 59 -14.30 -4.35 14.80
C ALA A 59 -15.55 -5.20 14.37
N LEU A 60 -15.66 -5.79 13.13
CA LEU A 60 -16.83 -6.60 12.81
C LEU A 60 -16.85 -7.89 13.65
N ALA A 61 -15.69 -8.37 14.11
CA ALA A 61 -15.63 -9.47 15.07
C ALA A 61 -15.59 -8.83 16.48
N GLU A 62 -16.62 -9.13 17.30
CA GLU A 62 -16.65 -8.70 18.70
C GLU A 62 -15.53 -9.36 19.48
N SER A 63 -15.19 -10.61 19.13
CA SER A 63 -14.11 -11.32 19.78
C SER A 63 -13.57 -12.37 18.83
N TRP A 64 -12.37 -12.85 19.12
CA TRP A 64 -11.77 -13.91 18.32
C TRP A 64 -10.82 -14.74 19.17
N GLU A 65 -10.54 -15.94 18.72
CA GLU A 65 -9.67 -16.84 19.43
C GLU A 65 -8.89 -17.71 18.45
N ARG A 66 -7.56 -17.75 18.63
CA ARG A 66 -6.75 -18.63 17.85
C ARG A 66 -6.97 -20.03 18.44
N ILE A 67 -7.30 -20.97 17.57
CA ILE A 67 -7.56 -22.34 17.97
C ILE A 67 -6.24 -23.14 18.02
N ASP A 68 -5.44 -23.02 16.96
CA ASP A 68 -4.18 -23.74 16.80
C ASP A 68 -3.29 -22.98 15.80
N GLU A 69 -2.22 -23.61 15.32
CA GLU A 69 -1.29 -22.99 14.39
C GLU A 69 -1.88 -22.58 13.03
N LYS A 70 -3.14 -22.97 12.71
CA LYS A 70 -3.69 -22.67 11.39
C LYS A 70 -5.16 -22.32 11.36
N SER A 71 -5.75 -21.90 12.49
CA SER A 71 -7.14 -21.50 12.49
C SER A 71 -7.46 -20.52 13.58
N VAL A 72 -8.34 -19.60 13.27
CA VAL A 72 -8.81 -18.57 14.18
C VAL A 72 -10.30 -18.49 14.02
N ARG A 73 -11.02 -18.54 15.13
CA ARG A 73 -12.46 -18.43 15.15
C ARG A 73 -12.83 -17.02 15.52
N PHE A 74 -13.83 -16.45 14.80
CA PHE A 74 -14.32 -15.09 14.99
C PHE A 74 -15.77 -15.13 15.37
N LYS A 75 -16.15 -14.39 16.42
CA LYS A 75 -17.52 -14.21 16.85
C LYS A 75 -17.92 -12.82 16.36
N LEU A 76 -18.87 -12.79 15.43
CA LEU A 76 -19.29 -11.59 14.77
C LEU A 76 -20.25 -10.73 15.57
N ARG A 77 -20.09 -9.40 15.44
CA ARG A 77 -21.01 -8.42 16.01
C ARG A 77 -22.34 -8.61 15.29
N GLN A 78 -23.42 -8.59 16.07
CA GLN A 78 -24.75 -8.87 15.56
C GLN A 78 -25.52 -7.60 15.18
N LYS A 79 -26.43 -7.73 14.22
CA LYS A 79 -27.27 -6.64 13.71
C LYS A 79 -26.45 -5.53 13.00
N VAL A 80 -25.27 -5.90 12.46
CA VAL A 80 -24.49 -4.96 11.67
C VAL A 80 -25.13 -5.02 10.29
N MET A 81 -25.42 -3.86 9.72
CA MET A 81 -26.07 -3.79 8.42
CA MET A 81 -26.06 -3.80 8.41
C MET A 81 -25.14 -3.28 7.35
N PHE A 82 -25.19 -3.89 6.16
CA PHE A 82 -24.51 -3.37 4.99
C PHE A 82 -25.38 -2.12 4.59
N HIS A 83 -24.85 -1.27 3.69
CA HIS A 83 -25.50 -0.04 3.27
C HIS A 83 -26.85 -0.24 2.62
N ASP A 84 -27.03 -1.36 1.91
CA ASP A 84 -28.31 -1.72 1.26
C ASP A 84 -29.28 -2.44 2.20
N GLY A 85 -29.03 -2.44 3.50
CA GLY A 85 -29.91 -3.12 4.45
C GLY A 85 -29.62 -4.54 4.87
N VAL A 86 -28.90 -5.28 4.04
CA VAL A 86 -28.63 -6.71 4.30
C VAL A 86 -27.79 -6.86 5.57
N GLU A 87 -28.18 -7.77 6.50
CA GLU A 87 -27.44 -7.95 7.74
C GLU A 87 -26.16 -8.75 7.47
N LEU A 88 -25.07 -8.32 8.08
CA LEU A 88 -23.81 -9.04 7.99
C LEU A 88 -23.94 -10.38 8.69
N THR A 89 -23.50 -11.45 8.03
CA THR A 89 -23.45 -12.78 8.62
C THR A 89 -22.12 -13.47 8.30
N ALA A 90 -21.87 -14.61 8.96
CA ALA A 90 -20.71 -15.46 8.71
C ALA A 90 -20.60 -15.84 7.23
N ASP A 91 -21.72 -15.91 6.52
CA ASP A 91 -21.72 -16.25 5.10
C ASP A 91 -20.98 -15.16 4.27
N ASP A 92 -21.14 -13.88 4.65
CA ASP A 92 -20.44 -12.76 3.98
C ASP A 92 -18.93 -12.85 4.24
N VAL A 93 -18.58 -13.17 5.49
CA VAL A 93 -17.18 -13.29 5.87
C VAL A 93 -16.56 -14.48 5.17
N ALA A 94 -17.25 -15.62 5.16
CA ALA A 94 -16.79 -16.81 4.44
C ALA A 94 -16.58 -16.50 2.95
N TYR A 95 -17.51 -15.76 2.32
CA TYR A 95 -17.39 -15.40 0.91
C TYR A 95 -16.18 -14.46 0.69
N THR A 96 -16.01 -13.48 1.58
CA THR A 96 -14.87 -12.55 1.50
C THR A 96 -13.53 -13.31 1.40
N PHE A 97 -13.38 -14.36 2.22
CA PHE A 97 -12.14 -15.15 2.29
C PHE A 97 -12.22 -16.48 1.56
N SER A 98 -13.08 -16.56 0.53
CA SER A 98 -13.29 -17.81 -0.18
C SER A 98 -12.32 -18.03 -1.34
N SER A 99 -12.24 -19.30 -1.77
CA SER A 99 -11.50 -19.68 -2.98
C SER A 99 -12.15 -18.96 -4.19
N GLU A 100 -13.47 -18.93 -4.26
CA GLU A 100 -14.23 -18.37 -5.37
C GLU A 100 -13.95 -16.88 -5.61
N ARG A 101 -13.94 -16.10 -4.55
CA ARG A 101 -13.80 -14.65 -4.64
C ARG A 101 -12.36 -14.16 -4.54
N LEU A 102 -11.57 -14.74 -3.63
CA LEU A 102 -10.28 -14.19 -3.27
C LEU A 102 -9.02 -14.92 -3.76
N TRP A 103 -8.81 -16.18 -3.30
CA TRP A 103 -7.53 -16.86 -3.44
C TRP A 103 -7.47 -18.11 -4.35
N GLY A 104 -8.61 -18.64 -4.76
CA GLY A 104 -8.62 -19.80 -5.65
C GLY A 104 -8.29 -19.43 -7.08
N PRO A 105 -8.13 -20.43 -7.97
CA PRO A 105 -7.84 -20.12 -9.39
C PRO A 105 -8.92 -19.32 -10.13
N GLU A 106 -10.19 -19.50 -9.75
CA GLU A 106 -11.31 -18.77 -10.34
C GLU A 106 -11.29 -17.26 -10.04
N ALA A 107 -10.64 -16.87 -8.94
CA ALA A 107 -10.57 -15.46 -8.56
C ALA A 107 -9.57 -14.64 -9.36
N ILE A 108 -8.61 -15.27 -10.09
CA ILE A 108 -7.58 -14.49 -10.83
C ILE A 108 -8.16 -13.41 -11.75
N LYS A 109 -9.25 -13.68 -12.45
CA LYS A 109 -9.86 -12.71 -13.36
C LYS A 109 -10.46 -11.54 -12.58
N LYS A 110 -11.10 -11.83 -11.46
CA LYS A 110 -11.83 -10.83 -10.67
C LYS A 110 -10.88 -9.97 -9.81
N ILE A 111 -9.92 -10.63 -9.14
CA ILE A 111 -8.93 -9.96 -8.27
C ILE A 111 -7.56 -10.52 -8.68
N PRO A 112 -6.89 -9.88 -9.65
CA PRO A 112 -5.63 -10.46 -10.16
C PRO A 112 -4.56 -10.80 -9.15
N LEU A 113 -4.45 -10.00 -8.07
CA LEU A 113 -3.42 -10.22 -7.03
C LEU A 113 -3.95 -10.93 -5.78
N GLY A 114 -5.22 -11.39 -5.80
CA GLY A 114 -5.87 -12.05 -4.67
C GLY A 114 -5.08 -13.22 -4.14
N LYS A 115 -4.76 -14.14 -5.01
CA LYS A 115 -4.03 -15.35 -4.63
C LYS A 115 -2.60 -15.05 -4.14
N SER A 116 -1.84 -14.25 -4.90
CA SER A 116 -0.44 -13.98 -4.55
C SER A 116 -0.30 -13.18 -3.27
N TYR A 117 -1.28 -12.32 -2.96
CA TYR A 117 -1.26 -11.55 -1.69
C TYR A 117 -1.91 -12.26 -0.51
N SER A 118 -2.60 -13.38 -0.72
CA SER A 118 -3.29 -14.11 0.34
CA SER A 118 -3.27 -14.07 0.38
C SER A 118 -2.39 -15.15 1.01
N LEU A 119 -2.80 -15.60 2.21
CA LEU A 119 -2.15 -16.67 2.92
C LEU A 119 -2.55 -17.99 2.17
N ASP A 120 -2.02 -19.12 2.59
CA ASP A 120 -2.35 -20.42 1.99
C ASP A 120 -3.68 -20.87 2.61
N PHE A 121 -4.75 -20.14 2.31
CA PHE A 121 -6.04 -20.40 2.91
C PHE A 121 -6.66 -21.71 2.52
N ASP A 122 -7.41 -22.26 3.47
CA ASP A 122 -8.33 -23.35 3.22
C ASP A 122 -9.69 -22.66 3.26
N GLU A 123 -10.75 -23.34 2.80
CA GLU A 123 -12.07 -22.71 2.77
C GLU A 123 -12.51 -22.32 4.20
N PRO A 124 -13.03 -21.09 4.42
CA PRO A 124 -13.54 -20.77 5.76
C PRO A 124 -14.62 -21.78 6.21
N VAL A 125 -14.84 -21.91 7.52
CA VAL A 125 -15.89 -22.77 8.06
C VAL A 125 -16.92 -21.89 8.77
N VAL A 126 -18.15 -21.90 8.29
CA VAL A 126 -19.25 -21.20 8.95
C VAL A 126 -19.80 -22.12 10.05
N GLU A 127 -19.75 -21.72 11.33
CA GLU A 127 -20.32 -22.53 12.43
C GLU A 127 -21.79 -22.18 12.61
N ASP A 128 -22.09 -20.87 12.61
CA ASP A 128 -23.43 -20.36 12.69
C ASP A 128 -23.48 -18.94 12.08
N LYS A 129 -24.66 -18.36 11.98
CA LYS A 129 -24.85 -17.02 11.43
C LYS A 129 -23.80 -15.98 11.91
N TYR A 130 -23.31 -16.10 13.16
CA TYR A 130 -22.36 -15.16 13.74
C TYR A 130 -21.04 -15.79 14.18
N THR A 131 -20.64 -16.94 13.60
CA THR A 131 -19.40 -17.58 13.96
C THR A 131 -18.76 -18.15 12.71
N VAL A 132 -17.49 -17.76 12.48
CA VAL A 132 -16.78 -18.21 11.30
C VAL A 132 -15.31 -18.42 11.65
N THR A 133 -14.74 -19.49 11.12
CA THR A 133 -13.34 -19.83 11.34
C THR A 133 -12.59 -19.68 10.03
N LEU A 134 -11.49 -18.91 10.07
CA LEU A 134 -10.61 -18.77 8.95
C LEU A 134 -9.44 -19.70 9.20
N ARG A 135 -9.05 -20.42 8.16
CA ARG A 135 -8.05 -21.45 8.24
C ARG A 135 -7.04 -21.35 7.15
N THR A 136 -5.87 -21.89 7.41
CA THR A 136 -4.84 -22.09 6.40
C THR A 136 -4.56 -23.60 6.32
N LYS A 137 -4.20 -24.05 5.11
CA LYS A 137 -3.91 -25.47 4.81
C LYS A 137 -2.64 -25.94 5.52
N THR A 138 -1.65 -25.02 5.61
CA THR A 138 -0.38 -25.19 6.28
C THR A 138 -0.30 -24.21 7.46
N PRO A 139 0.65 -24.39 8.42
CA PRO A 139 0.71 -23.46 9.55
C PRO A 139 0.89 -21.99 9.13
N SER A 140 0.15 -21.10 9.78
CA SER A 140 0.31 -19.67 9.56
C SER A 140 0.01 -18.95 10.85
N TYR A 141 0.99 -18.22 11.34
CA TYR A 141 0.83 -17.38 12.51
C TYR A 141 0.47 -15.91 12.09
N LEU A 142 0.15 -15.69 10.80
CA LEU A 142 -0.19 -14.39 10.22
C LEU A 142 -1.69 -14.15 10.00
N ILE A 143 -2.54 -15.09 10.44
CA ILE A 143 -3.98 -14.94 10.19
C ILE A 143 -4.53 -13.64 10.77
N GLU A 144 -4.14 -13.32 12.00
CA GLU A 144 -4.67 -12.13 12.68
C GLU A 144 -4.24 -10.82 11.99
N THR A 145 -2.93 -10.71 11.69
CA THR A 145 -2.44 -9.50 11.01
C THR A 145 -3.05 -9.40 9.61
N PHE A 146 -3.25 -10.54 8.93
CA PHE A 146 -3.89 -10.54 7.61
C PHE A 146 -5.31 -10.01 7.71
N VAL A 147 -6.04 -10.48 8.70
CA VAL A 147 -7.45 -10.14 8.88
C VAL A 147 -7.65 -8.66 9.24
N ALA A 148 -6.69 -8.05 9.90
CA ALA A 148 -6.75 -6.61 10.22
C ALA A 148 -6.37 -5.73 9.00
N SER A 149 -5.80 -6.32 7.96
CA SER A 149 -5.20 -5.61 6.86
C SER A 149 -6.17 -5.18 5.76
N TRP A 150 -5.64 -4.42 4.80
CA TRP A 150 -6.37 -3.96 3.63
C TRP A 150 -6.82 -5.11 2.67
N MET A 151 -6.32 -6.34 2.87
CA MET A 151 -6.81 -7.49 2.08
C MET A 151 -8.20 -8.00 2.54
N SER A 152 -8.63 -7.57 3.74
CA SER A 152 -9.68 -8.21 4.51
C SER A 152 -10.91 -7.36 4.80
N ARG A 153 -11.20 -6.37 3.96
CA ARG A 153 -12.43 -5.59 4.10
C ARG A 153 -13.56 -6.53 3.66
N ILE A 154 -14.61 -6.61 4.49
CA ILE A 154 -15.71 -7.53 4.32
C ILE A 154 -16.71 -7.05 3.29
N VAL A 155 -16.95 -7.86 2.26
CA VAL A 155 -17.88 -7.58 1.17
C VAL A 155 -19.19 -8.42 1.35
N PRO A 156 -20.33 -7.88 0.82
CA PRO A 156 -21.60 -8.60 0.94
C PRO A 156 -21.67 -9.69 -0.11
N LYS A 157 -21.89 -10.93 0.33
CA LYS A 157 -21.88 -12.08 -0.57
C LYS A 157 -22.90 -11.96 -1.71
N GLU A 158 -24.18 -11.81 -1.37
CA GLU A 158 -25.22 -11.88 -2.39
C GLU A 158 -25.12 -10.71 -3.36
N TYR A 159 -24.99 -9.48 -2.84
CA TYR A 159 -24.85 -8.30 -3.70
C TYR A 159 -23.60 -8.38 -4.58
N TYR A 160 -22.44 -8.77 -3.99
CA TYR A 160 -21.19 -8.87 -4.75
C TYR A 160 -21.31 -9.95 -5.85
N LYS A 161 -21.94 -11.10 -5.56
CA LYS A 161 -22.10 -12.16 -6.56
C LYS A 161 -23.02 -11.71 -7.67
N LYS A 162 -24.11 -11.02 -7.32
CA LYS A 162 -25.08 -10.52 -8.30
C LYS A 162 -24.40 -9.60 -9.34
N LEU A 163 -23.66 -8.58 -8.89
CA LEU A 163 -22.99 -7.64 -9.79
C LEU A 163 -21.71 -8.18 -10.44
N GLY A 164 -20.96 -8.99 -9.70
CA GLY A 164 -19.63 -9.41 -10.14
C GLY A 164 -18.62 -8.35 -9.70
N ALA A 165 -17.37 -8.76 -9.54
CA ALA A 165 -16.31 -7.87 -9.06
C ALA A 165 -16.17 -6.54 -9.80
N VAL A 166 -16.31 -6.54 -11.15
CA VAL A 166 -16.12 -5.30 -11.92
C VAL A 166 -17.24 -4.30 -11.56
N ASP A 167 -18.50 -4.67 -11.74
CA ASP A 167 -19.62 -3.76 -11.44
C ASP A 167 -19.70 -3.44 -9.95
N PHE A 168 -19.33 -4.38 -9.06
CA PHE A 168 -19.28 -4.09 -7.63
C PHE A 168 -18.26 -2.96 -7.36
N GLY A 169 -17.12 -2.98 -8.08
CA GLY A 169 -16.10 -1.94 -7.97
C GLY A 169 -16.58 -0.56 -8.34
N ASN A 170 -17.65 -0.47 -9.15
CA ASN A 170 -18.27 0.79 -9.56
C ASN A 170 -19.49 1.16 -8.71
N LYS A 171 -20.02 0.26 -7.89
CA LYS A 171 -21.17 0.53 -7.03
C LYS A 171 -21.01 -0.26 -5.72
N PRO A 172 -19.95 0.06 -4.93
CA PRO A 172 -19.66 -0.77 -3.76
C PRO A 172 -20.64 -0.61 -2.63
N VAL A 173 -20.88 -1.71 -1.91
CA VAL A 173 -21.71 -1.75 -0.72
C VAL A 173 -20.85 -2.39 0.38
N GLY A 174 -20.77 -1.72 1.52
CA GLY A 174 -20.03 -2.20 2.68
C GLY A 174 -20.80 -1.90 3.94
N THR A 175 -20.16 -2.10 5.08
CA THR A 175 -20.75 -1.84 6.41
C THR A 175 -20.19 -0.53 7.04
N GLY A 176 -19.32 0.17 6.33
CA GLY A 176 -18.53 1.27 6.85
C GLY A 176 -19.30 2.55 7.14
N PRO A 177 -18.59 3.51 7.77
CA PRO A 177 -19.23 4.78 8.19
C PRO A 177 -19.73 5.69 7.07
N TYR A 178 -19.27 5.47 5.83
CA TYR A 178 -19.70 6.27 4.68
C TYR A 178 -20.12 5.33 3.57
N LYS A 179 -21.21 5.69 2.90
CA LYS A 179 -21.76 4.89 1.81
C LYS A 179 -21.56 5.59 0.47
N PHE A 180 -21.57 4.79 -0.59
CA PHE A 180 -21.29 5.21 -1.95
C PHE A 180 -22.33 6.15 -2.51
N VAL A 181 -21.91 7.24 -3.17
CA VAL A 181 -22.83 8.14 -3.88
C VAL A 181 -22.48 8.08 -5.37
N GLU A 182 -21.23 8.41 -5.75
CA GLU A 182 -20.85 8.41 -7.16
C GLU A 182 -19.35 8.24 -7.39
N PHE A 183 -19.00 7.79 -8.58
CA PHE A 183 -17.64 7.60 -9.02
C PHE A 183 -17.54 7.98 -10.50
N VAL A 184 -16.83 9.07 -10.77
CA VAL A 184 -16.51 9.51 -12.11
C VAL A 184 -15.05 9.15 -12.27
N ALA A 185 -14.77 8.12 -13.10
CA ALA A 185 -13.40 7.59 -13.26
C ALA A 185 -12.39 8.67 -13.61
N GLY A 186 -11.30 8.71 -12.88
CA GLY A 186 -10.24 9.67 -13.08
C GLY A 186 -10.59 11.10 -12.71
N ASP A 187 -11.70 11.31 -11.97
CA ASP A 187 -12.11 12.66 -11.59
C ASP A 187 -12.54 12.77 -10.10
N ARG A 188 -13.56 12.01 -9.67
CA ARG A 188 -14.01 12.10 -8.29
C ARG A 188 -14.74 10.87 -7.76
N VAL A 189 -14.75 10.73 -6.43
CA VAL A 189 -15.54 9.75 -5.71
C VAL A 189 -16.26 10.56 -4.63
N VAL A 190 -17.55 10.33 -4.48
CA VAL A 190 -18.35 11.04 -3.49
C VAL A 190 -18.99 9.96 -2.61
N LEU A 191 -18.86 10.12 -1.30
CA LEU A 191 -19.49 9.26 -0.29
C LEU A 191 -20.39 10.14 0.59
N GLU A 192 -21.38 9.53 1.24
CA GLU A 192 -22.26 10.20 2.19
C GLU A 192 -22.31 9.46 3.51
N ALA A 193 -22.63 10.18 4.58
CA ALA A 193 -22.74 9.60 5.91
C ALA A 193 -23.66 8.37 5.98
N ASN A 194 -23.16 7.29 6.59
CA ASN A 194 -23.97 6.13 6.87
C ASN A 194 -24.39 6.32 8.32
N ASP A 195 -25.57 6.92 8.53
CA ASP A 195 -26.05 7.17 9.88
C ASP A 195 -26.56 5.89 10.59
N ALA A 196 -26.66 4.74 9.88
CA ALA A 196 -26.95 3.45 10.50
C ALA A 196 -25.65 2.72 10.93
N TYR A 197 -24.48 3.41 10.91
CA TYR A 197 -23.22 2.76 11.20
C TYR A 197 -23.21 2.12 12.61
N TRP A 198 -22.64 0.94 12.73
CA TRP A 198 -22.54 0.24 14.03
C TRP A 198 -21.55 0.87 15.01
N GLY A 199 -20.51 1.53 14.50
CA GLY A 199 -19.48 2.12 15.33
C GLY A 199 -19.63 3.62 15.52
N PRO A 200 -18.52 4.34 15.77
CA PRO A 200 -18.62 5.80 15.93
C PRO A 200 -19.33 6.45 14.74
N LYS A 201 -20.40 7.20 15.01
CA LYS A 201 -21.20 7.80 13.94
C LYS A 201 -20.40 8.77 13.06
N PRO A 202 -20.62 8.77 11.72
CA PRO A 202 -19.87 9.68 10.86
C PRO A 202 -20.09 11.16 11.22
N THR A 203 -19.00 11.95 11.18
CA THR A 203 -19.03 13.39 11.52
C THR A 203 -19.05 14.33 10.30
N ALA A 204 -18.87 13.81 9.08
CA ALA A 204 -19.06 14.60 7.86
C ALA A 204 -20.37 14.13 7.22
N SER A 205 -21.11 15.06 6.59
CA SER A 205 -22.36 14.69 5.89
C SER A 205 -22.03 13.95 4.57
N LYS A 206 -20.92 14.36 3.95
CA LYS A 206 -20.44 13.90 2.66
C LYS A 206 -18.94 14.01 2.62
N ILE A 207 -18.27 13.14 1.84
CA ILE A 207 -16.85 13.25 1.58
C ILE A 207 -16.67 13.21 0.06
N THR A 208 -15.90 14.14 -0.48
CA THR A 208 -15.59 14.14 -1.91
C THR A 208 -14.10 14.02 -2.09
N TYR A 209 -13.66 13.05 -2.88
CA TYR A 209 -12.27 12.85 -3.21
C TYR A 209 -12.14 13.40 -4.63
N GLN A 210 -11.57 14.59 -4.75
CA GLN A 210 -11.38 15.25 -6.05
C GLN A 210 -9.93 15.13 -6.47
N ILE A 211 -9.68 14.47 -7.62
CA ILE A 211 -8.30 14.35 -8.11
C ILE A 211 -7.80 15.74 -8.53
N VAL A 212 -6.59 16.06 -8.11
CA VAL A 212 -5.89 17.26 -8.53
C VAL A 212 -4.47 16.75 -8.71
N ALA A 213 -4.16 16.24 -9.89
CA ALA A 213 -2.89 15.55 -10.13
C ALA A 213 -1.64 16.40 -9.91
N GLU A 214 -1.70 17.69 -10.28
CA GLU A 214 -0.56 18.61 -10.11
CA GLU A 214 -0.54 18.56 -10.11
C GLU A 214 -0.51 19.12 -8.66
N PRO A 215 0.55 18.86 -7.87
CA PRO A 215 0.55 19.32 -6.47
C PRO A 215 0.42 20.83 -6.24
N ALA A 216 1.00 21.66 -7.14
CA ALA A 216 0.91 23.13 -7.05
C ALA A 216 -0.57 23.54 -7.10
N THR A 217 -1.36 22.94 -8.01
CA THR A 217 -2.80 23.23 -8.12
C THR A 217 -3.55 22.79 -6.85
N ARG A 218 -3.12 21.67 -6.28
CA ARG A 218 -3.72 21.15 -5.05
CA ARG A 218 -3.71 21.15 -5.05
C ARG A 218 -3.49 22.16 -3.91
N VAL A 219 -2.25 22.67 -3.76
CA VAL A 219 -1.88 23.67 -2.74
C VAL A 219 -2.72 24.94 -2.96
N ALA A 220 -2.83 25.39 -4.23
CA ALA A 220 -3.65 26.57 -4.57
C ALA A 220 -5.11 26.37 -4.14
N GLY A 221 -5.63 25.15 -4.33
CA GLY A 221 -7.01 24.82 -3.94
C GLY A 221 -7.24 24.93 -2.44
N LEU A 222 -6.23 24.57 -1.64
CA LEU A 222 -6.32 24.73 -0.20
C LEU A 222 -6.25 26.22 0.17
N ILE A 223 -5.33 26.96 -0.48
CA ILE A 223 -5.16 28.40 -0.21
C ILE A 223 -6.43 29.17 -0.58
N SER A 224 -7.09 28.78 -1.66
CA SER A 224 -8.32 29.45 -2.11
C SER A 224 -9.59 29.06 -1.33
N GLY A 225 -9.53 27.98 -0.55
CA GLY A 225 -10.70 27.52 0.21
C GLY A 225 -11.54 26.48 -0.49
N GLU A 226 -11.08 25.90 -1.62
CA GLU A 226 -11.82 24.87 -2.33
C GLU A 226 -11.73 23.48 -1.64
N TYR A 227 -10.64 23.23 -0.90
CA TYR A 227 -10.45 21.94 -0.22
C TYR A 227 -10.22 22.13 1.25
N ASP A 228 -10.67 21.15 2.04
CA ASP A 228 -10.52 21.09 3.48
C ASP A 228 -9.17 20.43 3.82
N ILE A 229 -8.83 19.37 3.09
CA ILE A 229 -7.58 18.64 3.31
C ILE A 229 -7.05 18.25 1.93
N ILE A 230 -5.73 18.29 1.79
CA ILE A 230 -5.06 17.89 0.57
C ILE A 230 -3.99 16.89 0.91
N THR A 231 -3.71 16.01 -0.03
CA THR A 231 -2.76 14.93 0.21
C THR A 231 -1.48 15.03 -0.60
N THR A 232 -0.51 14.19 -0.25
CA THR A 232 0.66 13.85 -1.05
C THR A 232 1.50 15.06 -1.42
N LEU A 233 1.85 15.86 -0.40
CA LEU A 233 2.71 17.01 -0.61
C LEU A 233 4.16 16.64 -0.29
N THR A 234 5.08 17.54 -0.57
CA THR A 234 6.48 17.34 -0.25
C THR A 234 6.86 18.27 0.91
N PRO A 235 7.97 17.99 1.63
CA PRO A 235 8.38 18.91 2.69
C PRO A 235 8.72 20.33 2.18
N ASP A 236 8.98 20.53 0.84
CA ASP A 236 9.22 21.87 0.30
C ASP A 236 7.97 22.74 0.31
N ASP A 237 6.76 22.16 0.54
CA ASP A 237 5.51 22.93 0.62
C ASP A 237 5.16 23.38 2.05
N ILE A 238 5.85 22.84 3.06
CA ILE A 238 5.55 23.07 4.46
C ILE A 238 5.60 24.56 4.86
N GLN A 239 6.71 25.25 4.54
CA GLN A 239 6.86 26.65 4.96
C GLN A 239 5.77 27.57 4.38
N LEU A 240 5.45 27.44 3.08
CA LEU A 240 4.41 28.29 2.50
C LEU A 240 3.05 28.05 3.16
N ILE A 241 2.63 26.78 3.24
CA ILE A 241 1.30 26.46 3.79
C ILE A 241 1.20 26.95 5.24
N ASN A 242 2.22 26.63 6.06
CA ASN A 242 2.20 27.04 7.46
C ASN A 242 2.29 28.56 7.65
N SER A 243 2.66 29.35 6.62
CA SER A 243 2.64 30.81 6.74
C SER A 243 1.18 31.35 6.79
N TYR A 244 0.20 30.62 6.24
CA TYR A 244 -1.20 31.02 6.30
C TYR A 244 -1.72 30.71 7.70
N PRO A 245 -2.20 31.69 8.50
CA PRO A 245 -2.63 31.35 9.87
C PRO A 245 -3.77 30.36 10.02
N ASP A 246 -4.62 30.19 8.99
CA ASP A 246 -5.78 29.29 9.05
C ASP A 246 -5.53 27.91 8.42
N LEU A 247 -4.29 27.64 8.00
CA LEU A 247 -3.90 26.36 7.40
C LEU A 247 -2.70 25.80 8.13
N GLU A 248 -2.48 24.49 8.01
CA GLU A 248 -1.29 23.87 8.57
C GLU A 248 -1.01 22.57 7.86
N THR A 249 0.24 22.11 7.96
CA THR A 249 0.59 20.80 7.46
C THR A 249 0.48 19.80 8.59
N ARG A 250 0.20 18.53 8.23
CA ARG A 250 0.11 17.42 9.17
C ARG A 250 0.79 16.27 8.44
N GLY A 251 1.92 15.86 8.96
CA GLY A 251 2.71 14.83 8.30
C GLY A 251 3.14 13.71 9.23
N THR A 252 3.48 12.59 8.63
CA THR A 252 3.97 11.45 9.38
C THR A 252 4.75 10.53 8.46
N LEU A 253 5.75 9.86 9.03
CA LEU A 253 6.44 8.81 8.31
C LEU A 253 5.45 7.63 8.24
N ILE A 254 5.24 7.08 7.05
CA ILE A 254 4.28 5.98 6.90
C ILE A 254 5.00 4.66 6.65
N GLU A 255 4.29 3.55 6.92
CA GLU A 255 4.80 2.20 6.79
C GLU A 255 4.69 1.81 5.31
N ASN A 256 5.55 2.45 4.51
CA ASN A 256 5.58 2.25 3.05
C ASN A 256 6.97 2.63 2.58
N PHE A 257 7.42 2.05 1.47
CA PHE A 257 8.67 2.52 0.88
C PHE A 257 8.47 2.82 -0.59
N HIS A 258 9.12 3.91 -1.06
CA HIS A 258 9.18 4.25 -2.45
C HIS A 258 10.34 3.48 -3.03
N MET A 259 10.21 3.15 -4.29
CA MET A 259 11.24 2.39 -4.99
C MET A 259 11.19 2.67 -6.49
N PHE A 260 12.17 2.14 -7.18
CA PHE A 260 12.09 1.94 -8.62
C PHE A 260 12.38 0.47 -8.88
N THR A 261 11.82 -0.02 -9.97
CA THR A 261 11.93 -1.41 -10.34
C THR A 261 12.06 -1.51 -11.87
N PHE A 262 12.19 -2.75 -12.35
CA PHE A 262 12.53 -3.06 -13.72
C PHE A 262 11.61 -4.08 -14.35
N ASN A 263 11.48 -3.96 -15.67
CA ASN A 263 10.82 -4.97 -16.44
C ASN A 263 11.97 -5.90 -16.82
N MET A 264 12.10 -7.00 -16.09
CA MET A 264 13.18 -7.94 -16.31
C MET A 264 12.92 -8.90 -17.47
N ASN A 265 11.81 -8.71 -18.22
CA ASN A 265 11.59 -9.40 -19.50
C ASN A 265 12.44 -8.68 -20.61
N GLN A 266 12.84 -7.40 -20.37
CA GLN A 266 13.64 -6.61 -21.30
C GLN A 266 15.06 -7.15 -21.24
N GLU A 267 15.70 -7.27 -22.42
CA GLU A 267 17.04 -7.85 -22.52
C GLU A 267 18.07 -7.20 -21.57
N VAL A 268 18.13 -5.86 -21.56
CA VAL A 268 19.10 -5.11 -20.77
C VAL A 268 18.93 -5.36 -19.25
N PHE A 269 17.74 -5.82 -18.79
CA PHE A 269 17.53 -6.12 -17.37
C PHE A 269 17.28 -7.61 -17.04
N LYS A 270 17.56 -8.56 -17.95
CA LYS A 270 17.39 -9.99 -17.63
C LYS A 270 18.42 -10.40 -16.59
N ASP A 271 19.65 -9.91 -16.74
CA ASP A 271 20.75 -10.16 -15.82
C ASP A 271 20.75 -9.07 -14.73
N LYS A 272 21.26 -9.41 -13.57
CA LYS A 272 21.33 -8.48 -12.45
C LYS A 272 22.38 -7.35 -12.57
N LYS A 273 23.39 -7.46 -13.46
CA LYS A 273 24.51 -6.50 -13.44
C LYS A 273 24.14 -5.02 -13.59
N LEU A 274 23.33 -4.66 -14.61
CA LEU A 274 22.97 -3.25 -14.79
C LEU A 274 21.95 -2.82 -13.76
N ARG A 275 21.09 -3.75 -13.27
CA ARG A 275 20.15 -3.40 -12.20
C ARG A 275 20.95 -3.00 -10.95
N ARG A 276 21.99 -3.79 -10.66
CA ARG A 276 22.90 -3.53 -9.55
C ARG A 276 23.69 -2.25 -9.76
N ALA A 277 24.17 -1.99 -10.98
CA ALA A 277 24.90 -0.75 -11.25
C ALA A 277 24.00 0.48 -10.93
N LEU A 278 22.74 0.45 -11.37
CA LEU A 278 21.83 1.56 -11.13
C LEU A 278 21.55 1.69 -9.63
N ALA A 279 21.43 0.55 -8.91
CA ALA A 279 21.15 0.55 -7.48
C ALA A 279 22.35 1.17 -6.73
N LEU A 280 23.58 0.76 -7.09
CA LEU A 280 24.77 1.23 -6.39
C LEU A 280 25.10 2.69 -6.63
N ALA A 281 24.52 3.32 -7.65
CA ALA A 281 24.76 4.73 -7.93
C ALA A 281 23.75 5.70 -7.30
N VAL A 282 22.73 5.19 -6.61
CA VAL A 282 21.71 6.06 -6.02
C VAL A 282 22.25 6.59 -4.69
N ASN A 283 22.43 7.92 -4.59
CA ASN A 283 22.88 8.54 -3.36
C ASN A 283 21.61 8.93 -2.59
N ARG A 284 21.08 8.00 -1.77
CA ARG A 284 19.82 8.26 -1.06
C ARG A 284 19.91 9.42 -0.04
N PRO A 285 20.98 9.54 0.77
CA PRO A 285 21.03 10.63 1.75
C PRO A 285 20.97 12.02 1.10
N ILE A 286 21.58 12.19 -0.10
CA ILE A 286 21.54 13.51 -0.76
C ILE A 286 20.11 13.79 -1.29
N MET A 287 19.38 12.74 -1.69
CA MET A 287 17.98 12.92 -2.12
C MET A 287 17.11 13.27 -0.90
N VAL A 288 17.31 12.60 0.23
CA VAL A 288 16.57 12.88 1.46
C VAL A 288 16.82 14.34 1.91
N GLU A 289 18.07 14.80 1.83
CA GLU A 289 18.38 16.19 2.20
C GLU A 289 17.73 17.18 1.22
N ALA A 290 17.92 16.97 -0.07
CA ALA A 290 17.44 17.93 -1.07
C ALA A 290 15.93 18.03 -1.23
N LEU A 291 15.25 16.88 -1.26
CA LEU A 291 13.84 16.80 -1.58
C LEU A 291 12.92 16.58 -0.41
N TRP A 292 13.43 15.95 0.66
CA TRP A 292 12.60 15.61 1.82
C TRP A 292 12.91 16.42 3.08
N LYS A 293 13.84 17.40 3.02
CA LYS A 293 14.22 18.19 4.19
C LYS A 293 14.52 17.30 5.44
N LYS A 294 15.19 16.15 5.19
CA LYS A 294 15.58 15.19 6.24
C LYS A 294 14.43 14.33 6.80
N GLN A 295 13.18 14.52 6.32
CA GLN A 295 12.04 13.86 6.94
C GLN A 295 11.82 12.40 6.50
N ALA A 296 12.23 12.05 5.30
CA ALA A 296 12.13 10.68 4.82
C ALA A 296 13.17 9.82 5.57
N SER A 297 12.94 8.49 5.60
CA SER A 297 13.79 7.59 6.33
C SER A 297 14.35 6.52 5.39
N ILE A 298 15.66 6.25 5.46
CA ILE A 298 16.30 5.26 4.59
C ILE A 298 16.45 3.92 5.35
N PRO A 299 15.74 2.85 4.94
CA PRO A 299 15.83 1.60 5.69
C PRO A 299 17.06 0.77 5.38
N ALA A 300 17.47 -0.08 6.33
CA ALA A 300 18.60 -0.98 6.12
C ALA A 300 18.06 -2.22 5.39
N GLY A 301 17.80 -2.06 4.12
CA GLY A 301 17.28 -3.14 3.28
C GLY A 301 15.78 -3.27 3.39
N PHE A 302 15.26 -4.42 3.01
CA PHE A 302 13.84 -4.70 2.95
C PHE A 302 13.49 -5.14 4.38
N ASN A 303 13.46 -4.15 5.27
CA ASN A 303 13.50 -4.37 6.70
C ASN A 303 12.96 -3.14 7.40
N PHE A 304 11.81 -3.29 8.06
CA PHE A 304 11.09 -2.18 8.68
C PHE A 304 10.69 -2.46 10.12
N PRO A 305 10.73 -1.45 11.01
CA PRO A 305 10.34 -1.71 12.41
C PRO A 305 8.94 -2.34 12.59
N ASN A 306 7.97 -2.07 11.69
CA ASN A 306 6.62 -2.65 11.87
C ASN A 306 6.64 -4.19 11.75
N TYR A 307 7.76 -4.79 11.27
CA TYR A 307 7.91 -6.23 11.24
C TYR A 307 8.00 -6.88 12.67
N GLY A 308 8.23 -6.07 13.70
CA GLY A 308 8.25 -6.55 15.06
C GLY A 308 9.39 -7.52 15.28
N GLU A 309 9.05 -8.79 15.55
CA GLU A 309 10.05 -9.82 15.86
C GLU A 309 10.96 -10.12 14.65
N THR A 310 10.53 -9.78 13.42
CA THR A 310 11.33 -10.03 12.22
C THR A 310 11.90 -8.74 11.60
N PHE A 311 11.99 -7.66 12.42
CA PHE A 311 12.72 -6.47 12.07
C PHE A 311 14.16 -6.73 12.59
N ASP A 312 15.19 -6.43 11.78
CA ASP A 312 16.55 -6.60 12.24
C ASP A 312 17.21 -5.22 12.43
N PRO A 313 17.30 -4.72 13.68
CA PRO A 313 17.90 -3.40 13.90
C PRO A 313 19.42 -3.34 13.73
N LYS A 314 20.08 -4.49 13.62
CA LYS A 314 21.52 -4.54 13.43
C LYS A 314 21.96 -4.50 11.97
N ARG A 315 21.02 -4.48 11.00
CA ARG A 315 21.39 -4.55 9.61
C ARG A 315 22.12 -3.32 9.15
N LYS A 316 23.08 -3.53 8.28
CA LYS A 316 23.87 -2.44 7.71
C LYS A 316 23.05 -1.73 6.62
N ALA A 317 23.42 -0.48 6.35
CA ALA A 317 22.81 0.30 5.29
C ALA A 317 22.99 -0.39 3.92
N MET A 318 22.08 -0.09 2.99
CA MET A 318 22.17 -0.57 1.62
C MET A 318 23.38 0.11 0.97
N GLU A 319 24.07 -0.63 0.12
CA GLU A 319 25.32 -0.17 -0.47
C GLU A 319 25.19 1.03 -1.37
N TYR A 320 26.21 1.88 -1.34
CA TYR A 320 26.36 3.01 -2.25
C TYR A 320 27.81 2.95 -2.69
N ASN A 321 28.05 2.72 -3.99
CA ASN A 321 29.42 2.52 -4.47
C ASN A 321 29.50 2.87 -5.97
N VAL A 322 29.75 4.15 -6.25
CA VAL A 322 29.82 4.72 -7.60
C VAL A 322 30.90 4.01 -8.45
N GLU A 323 32.08 3.73 -7.87
CA GLU A 323 33.15 3.07 -8.63
C GLU A 323 32.78 1.62 -9.00
N GLU A 324 32.17 0.87 -8.08
CA GLU A 324 31.70 -0.48 -8.37
C GLU A 324 30.57 -0.43 -9.41
N ALA A 325 29.69 0.59 -9.35
CA ALA A 325 28.61 0.76 -10.30
C ALA A 325 29.19 0.97 -11.72
N LYS A 326 30.20 1.85 -11.88
CA LYS A 326 30.87 2.10 -13.16
C LYS A 326 31.42 0.79 -13.74
N ARG A 327 32.07 -0.03 -12.90
CA ARG A 327 32.61 -1.30 -13.35
CA ARG A 327 32.61 -1.33 -13.29
C ARG A 327 31.51 -2.26 -13.80
N LEU A 328 30.34 -2.25 -13.12
CA LEU A 328 29.23 -3.11 -13.51
C LEU A 328 28.60 -2.65 -14.82
N VAL A 329 28.59 -1.34 -15.09
CA VAL A 329 28.08 -0.83 -16.38
C VAL A 329 29.00 -1.39 -17.50
N LYS A 330 30.31 -1.35 -17.28
CA LYS A 330 31.28 -1.86 -18.26
C LYS A 330 31.11 -3.38 -18.45
N GLU A 331 31.08 -4.17 -17.35
CA GLU A 331 30.93 -5.63 -17.45
C GLU A 331 29.60 -6.05 -18.07
N SER A 332 28.52 -5.27 -17.89
CA SER A 332 27.21 -5.63 -18.46
C SER A 332 27.13 -5.52 -19.97
N GLY A 333 28.14 -4.93 -20.62
CA GLY A 333 28.09 -4.72 -22.06
C GLY A 333 27.16 -3.58 -22.47
N TYR A 334 26.54 -2.82 -21.49
CA TYR A 334 25.65 -1.70 -21.80
C TYR A 334 26.29 -0.73 -22.82
N ASP A 335 25.60 -0.48 -23.94
CA ASP A 335 26.19 0.27 -25.05
C ASP A 335 25.91 1.78 -25.09
N GLY A 336 25.25 2.33 -24.08
CA GLY A 336 24.97 3.76 -24.02
C GLY A 336 23.57 4.17 -24.46
N THR A 337 22.78 3.24 -25.02
CA THR A 337 21.39 3.51 -25.48
C THR A 337 20.50 4.08 -24.33
N PRO A 338 19.69 5.15 -24.52
CA PRO A 338 18.85 5.61 -23.41
C PRO A 338 17.87 4.55 -22.91
N ILE A 339 17.67 4.51 -21.58
CA ILE A 339 16.76 3.57 -20.93
C ILE A 339 15.64 4.42 -20.33
N THR A 340 14.39 4.09 -20.63
CA THR A 340 13.27 4.86 -20.14
C THR A 340 12.92 4.53 -18.67
N TYR A 341 12.32 5.49 -17.98
CA TYR A 341 11.83 5.34 -16.60
C TYR A 341 10.46 6.01 -16.56
N HIS A 342 9.42 5.17 -16.44
CA HIS A 342 8.04 5.62 -16.45
C HIS A 342 7.55 6.11 -15.06
N THR A 343 6.80 7.20 -15.06
CA THR A 343 6.21 7.80 -13.87
C THR A 343 4.86 8.42 -14.22
N MET A 344 3.89 8.32 -13.30
CA MET A 344 2.56 8.89 -13.46
C MET A 344 2.61 10.28 -12.85
N GLY A 345 3.44 11.15 -13.44
CA GLY A 345 3.69 12.48 -12.89
C GLY A 345 4.19 12.37 -11.46
N ASN A 346 3.59 13.14 -10.54
CA ASN A 346 3.94 13.11 -9.12
C ASN A 346 2.84 12.43 -8.32
N TYR A 347 2.35 11.29 -8.83
CA TYR A 347 1.44 10.39 -8.09
C TYR A 347 2.12 10.03 -6.75
N TYR A 348 3.45 9.75 -6.83
CA TYR A 348 4.26 9.58 -5.64
C TYR A 348 4.87 10.95 -5.36
N ALA A 349 4.81 11.41 -4.11
CA ALA A 349 5.47 12.65 -3.68
C ALA A 349 6.97 12.58 -4.07
N ASN A 350 7.47 13.64 -4.73
CA ASN A 350 8.84 13.77 -5.18
C ASN A 350 9.22 12.79 -6.28
N ALA A 351 8.24 12.19 -6.99
CA ALA A 351 8.60 11.20 -8.04
C ALA A 351 9.53 11.80 -9.13
N MET A 352 9.09 12.92 -9.72
CA MET A 352 9.86 13.52 -10.82
C MET A 352 11.13 14.22 -10.28
N PRO A 353 11.07 15.00 -9.17
CA PRO A 353 12.33 15.55 -8.63
C PRO A 353 13.35 14.44 -8.30
N ALA A 354 12.91 13.31 -7.69
CA ALA A 354 13.85 12.21 -7.39
C ALA A 354 14.44 11.63 -8.68
N LEU A 355 13.59 11.40 -9.69
CA LEU A 355 14.04 10.86 -10.97
C LEU A 355 15.07 11.80 -11.61
N MET A 356 14.84 13.13 -11.52
CA MET A 356 15.78 14.10 -12.11
C MET A 356 17.15 13.98 -11.45
N MET A 357 17.16 13.81 -10.12
CA MET A 357 18.42 13.58 -9.42
C MET A 357 19.05 12.27 -9.85
N MET A 358 18.25 11.18 -9.90
CA MET A 358 18.82 9.87 -10.23
C MET A 358 19.36 9.81 -11.66
N ILE A 359 18.68 10.49 -12.59
CA ILE A 359 19.16 10.60 -14.00
C ILE A 359 20.59 11.19 -14.03
N GLU A 360 20.86 12.22 -13.20
CA GLU A 360 22.19 12.82 -13.12
C GLU A 360 23.18 11.86 -12.47
N MET A 361 22.77 11.16 -11.39
CA MET A 361 23.64 10.18 -10.74
C MET A 361 24.03 9.07 -11.75
N TRP A 362 23.06 8.64 -12.55
CA TRP A 362 23.28 7.60 -13.54
C TRP A 362 24.15 8.09 -14.70
N LYS A 363 24.00 9.34 -15.10
CA LYS A 363 24.91 9.93 -16.11
C LYS A 363 26.39 9.85 -15.65
N GLN A 364 26.65 10.07 -14.34
CA GLN A 364 27.99 10.04 -13.79
CA GLN A 364 28.01 10.00 -13.82
C GLN A 364 28.60 8.60 -13.79
N ILE A 365 27.77 7.54 -13.96
CA ILE A 365 28.27 6.16 -14.06
C ILE A 365 28.24 5.63 -15.53
N GLY A 366 27.80 6.45 -16.48
CA GLY A 366 27.76 6.11 -17.90
C GLY A 366 26.46 5.53 -18.37
N VAL A 367 25.36 5.64 -17.57
CA VAL A 367 24.06 5.12 -18.00
C VAL A 367 23.17 6.31 -18.31
N ASN A 368 22.54 6.32 -19.49
CA ASN A 368 21.67 7.39 -19.93
C ASN A 368 20.22 6.99 -19.71
N VAL A 369 19.53 7.69 -18.79
CA VAL A 369 18.14 7.40 -18.46
C VAL A 369 17.29 8.59 -18.81
N VAL A 370 16.09 8.34 -19.31
CA VAL A 370 15.17 9.39 -19.74
C VAL A 370 13.78 9.15 -19.16
N MET A 371 13.16 10.21 -18.66
CA MET A 371 11.81 10.15 -18.12
C MET A 371 10.72 9.97 -19.18
N LYS A 372 9.76 9.10 -18.90
CA LYS A 372 8.57 8.94 -19.73
C LYS A 372 7.41 9.05 -18.77
N THR A 373 6.49 9.97 -19.05
CA THR A 373 5.33 10.17 -18.20
C THR A 373 4.12 9.47 -18.79
N TYR A 374 3.23 9.02 -17.91
CA TYR A 374 1.98 8.41 -18.31
C TYR A 374 0.84 8.97 -17.48
N ALA A 375 -0.32 9.10 -18.10
CA ALA A 375 -1.46 9.71 -17.46
C ALA A 375 -2.13 8.69 -16.49
N PRO A 376 -2.87 9.15 -15.45
CA PRO A 376 -3.58 8.18 -14.59
C PRO A 376 -4.57 7.31 -15.38
N GLY A 377 -4.67 6.04 -15.02
CA GLY A 377 -5.56 5.12 -15.72
C GLY A 377 -5.01 4.59 -17.02
N SER A 378 -3.85 5.10 -17.49
CA SER A 378 -3.22 4.65 -18.72
C SER A 378 -1.82 4.13 -18.40
N PHE A 379 -1.72 3.14 -17.47
CA PHE A 379 -0.42 2.51 -17.17
C PHE A 379 0.11 1.89 -18.49
N PRO A 380 1.35 2.19 -18.91
CA PRO A 380 1.80 1.74 -20.23
C PRO A 380 1.82 0.23 -20.44
N PRO A 381 1.87 -0.27 -21.70
CA PRO A 381 1.98 -1.73 -21.88
C PRO A 381 3.30 -2.21 -21.30
N ASP A 382 3.30 -3.38 -20.66
CA ASP A 382 4.51 -3.88 -20.00
C ASP A 382 5.77 -3.85 -20.88
N ASN A 383 5.65 -4.34 -22.14
CA ASN A 383 6.80 -4.40 -23.06
C ASN A 383 7.31 -3.05 -23.58
N GLN A 384 6.60 -1.95 -23.24
CA GLN A 384 7.05 -0.57 -23.52
C GLN A 384 7.75 0.06 -22.30
N THR A 385 7.82 -0.65 -21.14
CA THR A 385 8.46 -0.16 -19.92
C THR A 385 9.78 -0.89 -19.69
N TRP A 386 10.75 -0.15 -19.16
CA TRP A 386 12.05 -0.64 -18.79
C TRP A 386 12.13 -0.38 -17.26
N MET A 387 12.46 0.84 -16.82
CA MET A 387 12.44 1.20 -15.40
C MET A 387 11.10 1.87 -15.11
N ARG A 388 10.65 1.79 -13.86
CA ARG A 388 9.43 2.46 -13.44
C ARG A 388 9.49 2.69 -11.93
N ASN A 389 8.72 3.65 -11.44
CA ASN A 389 8.65 3.85 -9.98
C ASN A 389 7.44 3.07 -9.42
N TRP A 390 7.51 2.76 -8.13
CA TRP A 390 6.47 2.03 -7.45
C TRP A 390 6.64 2.27 -5.93
N SER A 391 5.70 1.77 -5.15
CA SER A 391 5.83 1.77 -3.69
C SER A 391 5.23 0.48 -3.15
N ASN A 392 5.56 0.15 -1.88
CA ASN A 392 4.99 -1.00 -1.19
C ASN A 392 4.64 -0.64 0.22
N GLY A 393 3.36 -0.70 0.55
CA GLY A 393 2.89 -0.54 1.91
C GLY A 393 3.21 -1.80 2.68
N GLN A 394 3.83 -1.66 3.86
CA GLN A 394 4.22 -2.81 4.70
C GLN A 394 3.03 -3.14 5.57
N TRP A 395 2.15 -4.00 5.02
CA TRP A 395 0.80 -4.19 5.55
C TRP A 395 0.61 -5.27 6.65
N MET A 396 1.67 -5.91 7.13
CA MET A 396 1.57 -6.85 8.27
C MET A 396 2.54 -6.47 9.40
N THR A 397 2.27 -6.94 10.63
CA THR A 397 3.19 -6.79 11.78
C THR A 397 4.21 -7.96 11.69
N ASP A 398 4.77 -8.16 10.49
CA ASP A 398 5.63 -9.31 10.18
C ASP A 398 6.34 -9.03 8.84
N ALA A 399 7.56 -9.56 8.70
CA ALA A 399 8.38 -9.39 7.51
C ALA A 399 7.84 -10.11 6.30
N TYR A 400 6.85 -11.02 6.46
CA TYR A 400 6.26 -11.73 5.31
C TYR A 400 5.84 -10.75 4.22
N ALA A 401 5.19 -9.65 4.62
CA ALA A 401 4.78 -8.62 3.70
C ALA A 401 5.85 -7.47 3.69
N THR A 402 6.22 -6.91 2.53
CA THR A 402 5.76 -7.25 1.16
C THR A 402 6.73 -8.12 0.37
N ILE A 403 7.85 -8.56 0.97
CA ILE A 403 8.83 -9.33 0.20
C ILE A 403 8.25 -10.61 -0.40
N VAL A 404 7.43 -11.34 0.39
CA VAL A 404 6.88 -12.61 -0.15
C VAL A 404 5.71 -12.34 -1.13
N PRO A 405 4.68 -11.56 -0.76
CA PRO A 405 3.55 -11.38 -1.68
C PRO A 405 3.92 -10.74 -3.01
N GLU A 406 4.85 -9.76 -3.00
CA GLU A 406 5.29 -9.07 -4.21
C GLU A 406 6.45 -9.79 -4.94
N PHE A 407 7.49 -10.17 -4.22
CA PHE A 407 8.74 -10.69 -4.79
C PHE A 407 8.94 -12.20 -4.69
N GLY A 408 8.00 -12.91 -4.09
CA GLY A 408 8.11 -14.33 -3.89
C GLY A 408 7.85 -15.13 -5.16
N PRO A 409 7.99 -16.46 -5.07
CA PRO A 409 7.82 -17.31 -6.27
C PRO A 409 6.45 -17.23 -6.96
N ASN A 410 5.38 -17.04 -6.21
CA ASN A 410 4.03 -16.93 -6.78
C ASN A 410 3.63 -15.46 -7.05
N GLY A 411 4.55 -14.50 -6.87
CA GLY A 411 4.23 -13.08 -7.01
C GLY A 411 4.42 -12.51 -8.40
N GLN A 412 3.97 -11.26 -8.55
CA GLN A 412 4.00 -10.58 -9.84
C GLN A 412 5.38 -10.14 -10.30
N VAL A 413 6.34 -9.87 -9.39
CA VAL A 413 7.65 -9.41 -9.84
C VAL A 413 8.39 -10.54 -10.61
N GLN A 414 8.23 -11.78 -10.15
CA GLN A 414 8.82 -12.93 -10.85
C GLN A 414 7.95 -13.36 -12.04
N LYS A 415 6.64 -13.48 -11.85
CA LYS A 415 5.75 -14.04 -12.88
C LYS A 415 5.44 -13.05 -14.01
N ARG A 416 5.05 -11.83 -13.66
CA ARG A 416 4.71 -10.83 -14.66
C ARG A 416 5.93 -10.04 -15.14
N TRP A 417 6.78 -9.56 -14.20
CA TRP A 417 7.91 -8.74 -14.57
C TRP A 417 9.23 -9.50 -14.79
N GLY A 418 9.20 -10.82 -14.79
CA GLY A 418 10.32 -11.64 -15.22
C GLY A 418 11.54 -11.78 -14.36
N TRP A 419 11.47 -11.43 -13.04
CA TRP A 419 12.64 -11.60 -12.19
C TRP A 419 12.94 -13.10 -12.05
N LYS A 420 14.12 -13.54 -12.51
CA LYS A 420 14.54 -14.92 -12.38
C LYS A 420 15.23 -15.05 -11.03
N ALA A 421 14.44 -15.16 -9.98
CA ALA A 421 15.00 -15.20 -8.63
C ALA A 421 15.86 -16.44 -8.40
N PRO A 422 16.96 -16.35 -7.62
CA PRO A 422 17.71 -17.59 -7.30
C PRO A 422 16.81 -18.61 -6.60
N ALA A 423 16.99 -19.91 -6.85
CA ALA A 423 16.12 -20.94 -6.25
C ALA A 423 16.11 -20.84 -4.71
N GLU A 424 17.26 -20.49 -4.13
CA GLU A 424 17.43 -20.35 -2.68
C GLU A 424 16.45 -19.30 -2.14
N PHE A 425 16.25 -18.19 -2.87
CA PHE A 425 15.31 -17.13 -2.45
C PHE A 425 13.90 -17.69 -2.32
N ASN A 426 13.45 -18.44 -3.35
CA ASN A 426 12.13 -19.04 -3.36
C ASN A 426 11.95 -20.12 -2.27
N GLU A 427 13.01 -20.91 -2.01
CA GLU A 427 12.97 -21.92 -0.93
C GLU A 427 12.76 -21.20 0.42
N LEU A 428 13.49 -20.09 0.63
CA LEU A 428 13.38 -19.33 1.87
C LEU A 428 11.98 -18.71 1.99
N CYS A 429 11.40 -18.26 0.87
CA CYS A 429 10.03 -17.70 0.89
C CYS A 429 9.03 -18.76 1.42
N GLN A 430 9.18 -19.98 0.94
CA GLN A 430 8.29 -21.08 1.35
C GLN A 430 8.49 -21.40 2.84
N LYS A 431 9.72 -21.39 3.30
CA LYS A 431 10.03 -21.68 4.70
C LYS A 431 9.46 -20.63 5.67
N VAL A 432 9.69 -19.33 5.40
CA VAL A 432 9.19 -18.28 6.29
C VAL A 432 7.65 -18.21 6.36
N THR A 433 6.99 -18.68 5.30
CA THR A 433 5.52 -18.71 5.24
C THR A 433 4.94 -19.57 6.35
N VAL A 434 5.56 -20.73 6.62
CA VAL A 434 5.03 -21.73 7.57
C VAL A 434 5.75 -21.78 8.90
N LEU A 435 6.96 -21.20 9.01
CA LEU A 435 7.68 -21.26 10.28
C LEU A 435 7.11 -20.33 11.32
N PRO A 436 7.10 -20.72 12.61
CA PRO A 436 6.78 -19.74 13.66
C PRO A 436 8.00 -18.84 13.89
N ASN A 437 7.83 -17.72 14.62
CA ASN A 437 8.96 -16.84 14.90
C ASN A 437 10.03 -17.57 15.72
N GLY A 438 11.29 -17.26 15.41
CA GLY A 438 12.45 -17.89 16.02
C GLY A 438 13.71 -17.61 15.21
N LYS A 439 14.85 -18.14 15.66
CA LYS A 439 16.11 -17.89 14.97
C LYS A 439 16.11 -18.32 13.51
N GLU A 440 15.52 -19.49 13.19
CA GLU A 440 15.53 -19.98 11.81
C GLU A 440 14.79 -19.00 10.89
N ARG A 441 13.57 -18.62 11.30
CA ARG A 441 12.76 -17.69 10.52
C ARG A 441 13.45 -16.33 10.39
N PHE A 442 13.98 -15.80 11.51
CA PHE A 442 14.65 -14.51 11.54
C PHE A 442 15.86 -14.52 10.57
N ASP A 443 16.68 -15.57 10.63
CA ASP A 443 17.85 -15.66 9.75
C ASP A 443 17.45 -15.84 8.29
N ALA A 444 16.34 -16.55 8.01
CA ALA A 444 15.88 -16.73 6.63
C ALA A 444 15.49 -15.38 6.02
N TYR A 445 14.78 -14.51 6.79
CA TYR A 445 14.44 -13.18 6.24
C TYR A 445 15.71 -12.38 5.94
N ASN A 446 16.75 -12.47 6.81
CA ASN A 446 17.99 -11.74 6.55
C ASN A 446 18.69 -12.24 5.29
N ARG A 447 18.67 -13.57 5.06
CA ARG A 447 19.28 -14.10 3.84
C ARG A 447 18.48 -13.66 2.59
N MET A 448 17.12 -13.63 2.68
CA MET A 448 16.26 -13.15 1.61
C MET A 448 16.58 -11.67 1.30
N ARG A 449 16.79 -10.86 2.36
CA ARG A 449 17.15 -9.45 2.20
C ARG A 449 18.49 -9.32 1.49
N ASP A 450 19.46 -10.17 1.86
CA ASP A 450 20.77 -10.14 1.22
C ASP A 450 20.66 -10.48 -0.27
N ILE A 451 19.90 -11.52 -0.60
CA ILE A 451 19.69 -11.91 -2.01
C ILE A 451 18.97 -10.77 -2.75
N PHE A 452 17.98 -10.14 -2.12
CA PHE A 452 17.24 -9.05 -2.74
C PHE A 452 18.22 -7.91 -3.15
N GLU A 453 19.14 -7.56 -2.25
CA GLU A 453 20.13 -6.51 -2.55
C GLU A 453 21.14 -6.99 -3.60
N GLU A 454 21.50 -8.27 -3.58
CA GLU A 454 22.42 -8.84 -4.57
C GLU A 454 21.83 -8.82 -5.96
N GLU A 455 20.53 -9.11 -6.08
CA GLU A 455 19.80 -9.26 -7.34
C GLU A 455 19.17 -7.99 -7.87
N ALA A 456 18.87 -7.05 -6.98
CA ALA A 456 18.26 -5.79 -7.36
C ALA A 456 17.03 -5.93 -8.30
N PRO A 457 16.04 -6.81 -7.99
CA PRO A 457 14.79 -6.80 -8.77
C PRO A 457 14.05 -5.46 -8.61
N ALA A 458 14.29 -4.78 -7.51
CA ALA A 458 13.83 -3.43 -7.21
C ALA A 458 14.91 -2.74 -6.37
N VAL A 459 14.87 -1.41 -6.30
CA VAL A 459 15.81 -0.63 -5.51
C VAL A 459 14.99 0.23 -4.56
N ILE A 460 15.16 -0.04 -3.27
CA ILE A 460 14.44 0.70 -2.24
C ILE A 460 15.07 2.07 -2.16
N LEU A 461 14.26 3.11 -2.14
CA LEU A 461 14.75 4.48 -2.02
C LEU A 461 14.68 4.92 -0.55
N TYR A 462 13.48 4.94 0.02
CA TYR A 462 13.23 5.45 1.37
C TYR A 462 11.74 5.33 1.72
N GLN A 463 11.42 5.49 3.00
CA GLN A 463 10.06 5.59 3.50
C GLN A 463 9.72 7.05 3.34
N PRO A 464 8.63 7.36 2.63
CA PRO A 464 8.24 8.76 2.49
C PRO A 464 7.70 9.33 3.78
N TYR A 465 7.88 10.65 3.94
CA TYR A 465 7.26 11.39 5.02
C TYR A 465 6.00 11.91 4.34
N ASP A 466 4.84 11.36 4.69
CA ASP A 466 3.58 11.66 4.06
C ASP A 466 3.08 12.99 4.57
N VAL A 467 2.99 13.99 3.71
CA VAL A 467 2.57 15.31 4.11
C VAL A 467 1.18 15.64 3.58
N TYR A 468 0.27 15.97 4.50
CA TYR A 468 -1.04 16.49 4.16
C TYR A 468 -1.05 17.97 4.57
N ALA A 469 -2.02 18.71 4.06
CA ALA A 469 -2.28 20.06 4.51
C ALA A 469 -3.76 20.23 4.70
N ALA A 470 -4.14 20.98 5.72
CA ALA A 470 -5.52 21.10 6.08
C ALA A 470 -5.85 22.43 6.69
N ARG A 471 -7.15 22.75 6.65
CA ARG A 471 -7.66 23.90 7.36
C ARG A 471 -7.53 23.60 8.86
N LYS A 472 -7.13 24.58 9.66
CA LYS A 472 -7.04 24.38 11.10
C LYS A 472 -8.44 24.09 11.71
N ASP A 473 -9.54 24.52 11.05
CA ASP A 473 -10.90 24.26 11.55
C ASP A 473 -11.43 22.85 11.18
N VAL A 474 -10.57 21.99 10.58
CA VAL A 474 -10.91 20.62 10.24
C VAL A 474 -9.93 19.81 11.06
N HIS A 475 -10.41 19.19 12.12
CA HIS A 475 -9.61 18.44 13.05
C HIS A 475 -9.53 16.99 12.56
N TRP A 476 -8.31 16.57 12.25
CA TRP A 476 -8.07 15.23 11.73
C TRP A 476 -6.58 14.99 11.78
N LYS A 477 -6.20 13.81 12.29
CA LYS A 477 -4.81 13.45 12.43
C LYS A 477 -4.40 12.35 11.48
N PRO A 478 -3.23 12.47 10.82
CA PRO A 478 -2.78 11.37 9.95
C PRO A 478 -2.41 10.11 10.75
N VAL A 479 -2.37 8.98 10.07
CA VAL A 479 -1.93 7.71 10.65
C VAL A 479 -0.67 7.28 9.86
N SER A 480 0.13 6.39 10.46
CA SER A 480 1.39 5.94 9.89
C SER A 480 1.21 4.86 8.80
N PHE A 481 0.22 5.04 7.92
CA PHE A 481 -0.10 4.10 6.86
C PHE A 481 -0.75 4.89 5.70
N GLU A 482 -0.73 4.32 4.51
CA GLU A 482 -1.26 4.96 3.31
C GLU A 482 -2.79 4.96 3.22
N MET A 483 -3.41 5.61 4.20
CA MET A 483 -4.85 5.77 4.27
C MET A 483 -5.20 6.94 5.16
N MET A 484 -6.47 7.32 5.17
CA MET A 484 -7.02 8.33 6.05
C MET A 484 -8.09 7.69 6.95
N GLU A 485 -7.97 7.93 8.25
CA GLU A 485 -8.90 7.38 9.21
C GLU A 485 -9.76 8.54 9.73
N PHE A 486 -11.08 8.41 9.68
CA PHE A 486 -11.99 9.44 10.20
C PHE A 486 -12.78 8.96 11.44
N ARG A 487 -12.74 7.65 11.78
CA ARG A 487 -13.46 7.16 12.96
C ARG A 487 -12.88 7.78 14.21
N ASN A 488 -13.71 8.54 14.97
CA ASN A 488 -13.27 9.31 16.15
C ASN A 488 -12.02 10.16 15.85
N ASN A 489 -11.91 10.65 14.60
CA ASN A 489 -10.75 11.40 14.16
C ASN A 489 -11.14 12.38 13.04
N LEU A 490 -12.30 13.02 13.19
CA LEU A 490 -12.74 14.03 12.25
C LEU A 490 -13.80 14.89 12.93
N SER A 491 -13.53 16.16 13.10
CA SER A 491 -14.49 17.10 13.66
C SER A 491 -14.24 18.49 13.06
N PHE A 492 -15.23 19.39 13.16
CA PHE A 492 -15.15 20.72 12.55
C PHE A 492 -15.40 21.83 13.59
N GLY A 493 -14.74 22.96 13.39
CA GLY A 493 -14.89 24.12 14.27
C GLY A 493 -13.75 24.25 15.25
#